data_7UF4
#
_entry.id   7UF4
#
_cell.length_a   60.337
_cell.length_b   78.558
_cell.length_c   90.535
_cell.angle_alpha   90.000
_cell.angle_beta   90.000
_cell.angle_gamma   90.000
#
_symmetry.space_group_name_H-M   'C 2 2 21'
#
loop_
_entity.id
_entity.type
_entity.pdbx_description
1 polymer '3,4-dihydroxy-2-butanone 4-phosphate synthase'
2 non-polymer '(2R)-2-hydroxy-3,4-dioxopentyl dihydrogen phosphate'
3 non-polymer RIBULOSE-5-PHOSPHATE
4 non-polymer 'MANGANESE (II) ION'
5 non-polymer 1,2-ETHANEDIOL
6 water water
#
_entity_poly.entity_id   1
_entity_poly.type   'polypeptide(L)'
_entity_poly.pdbx_seq_one_letter_code
;MNQSSLLAEFGDPITRVENALQALREGRGVLLLDDEDRENEGDIIYAVESLTTAQMALMIRECSGIVCLCLTEAQADRLA
LPPMVVNNNSANQTAFTVSIEAKHGVTTGVSAQDRVTTIKTAANPQAKPEDLARPGHVFPLRARAGGVLARRGHTEGTVD
LMQMAGLQPAGVLCELTNPDGSMAKTPEIIEFGKLHNMPVLTIEDMVQYRIQFDLKLA
;
_entity_poly.pdbx_strand_id   A
#
# COMPACT_ATOMS: atom_id res chain seq x y z
N ASN A 2 11.51 -4.90 -22.60
CA ASN A 2 10.93 -3.69 -21.99
C ASN A 2 9.84 -4.08 -20.99
N GLN A 3 9.49 -3.16 -20.08
CA GLN A 3 8.62 -3.52 -18.96
C GLN A 3 7.27 -4.03 -19.44
N SER A 4 6.60 -3.26 -20.30
CA SER A 4 5.31 -3.69 -20.85
C SER A 4 5.38 -5.13 -21.37
N SER A 5 6.42 -5.43 -22.17
CA SER A 5 6.58 -6.80 -22.65
C SER A 5 6.70 -7.75 -21.48
N LEU A 6 7.54 -7.40 -20.50
CA LEU A 6 7.79 -8.33 -19.40
C LEU A 6 6.51 -8.68 -18.67
N LEU A 7 5.56 -7.73 -18.61
CA LEU A 7 4.29 -7.94 -17.91
C LEU A 7 3.18 -8.48 -18.80
N ALA A 8 3.45 -8.77 -20.07
CA ALA A 8 2.42 -9.35 -20.92
C ALA A 8 1.96 -10.71 -20.38
N GLU A 9 2.86 -11.46 -19.75
CA GLU A 9 2.53 -12.76 -19.17
C GLU A 9 1.58 -12.67 -17.97
N PHE A 10 1.34 -11.48 -17.42
CA PHE A 10 0.27 -11.30 -16.45
C PHE A 10 -1.04 -10.87 -17.10
N GLY A 11 -1.03 -10.60 -18.41
CA GLY A 11 -2.22 -10.21 -19.13
C GLY A 11 -2.10 -8.80 -19.65
N ASP A 12 -3.11 -8.40 -20.40
CA ASP A 12 -3.20 -7.02 -20.87
C ASP A 12 -3.55 -6.13 -19.67
N PRO A 13 -3.39 -4.82 -19.79
CA PRO A 13 -3.51 -3.97 -18.59
C PRO A 13 -4.84 -4.08 -17.88
N ILE A 14 -5.95 -4.20 -18.61
CA ILE A 14 -7.24 -4.42 -17.98
C ILE A 14 -7.19 -5.68 -17.12
N THR A 15 -6.70 -6.78 -17.70
CA THR A 15 -6.66 -8.06 -16.99
C THR A 15 -5.74 -7.97 -15.78
N ARG A 16 -4.59 -7.34 -15.93
CA ARG A 16 -3.70 -7.12 -14.80
C ARG A 16 -4.43 -6.42 -13.66
N VAL A 17 -5.31 -5.48 -13.98
CA VAL A 17 -6.04 -4.80 -12.92
C VAL A 17 -7.11 -5.72 -12.34
N GLU A 18 -7.90 -6.36 -13.20
CA GLU A 18 -8.96 -7.24 -12.71
C GLU A 18 -8.39 -8.33 -11.83
N ASN A 19 -7.26 -8.93 -12.24
CA ASN A 19 -6.68 -10.01 -11.43
C ASN A 19 -6.20 -9.49 -10.08
N ALA A 20 -5.71 -8.24 -10.03
CA ALA A 20 -5.25 -7.67 -8.76
C ALA A 20 -6.43 -7.42 -7.83
N LEU A 21 -7.53 -6.88 -8.37
CA LEU A 21 -8.72 -6.66 -7.55
C LEU A 21 -9.26 -7.98 -7.00
N GLN A 22 -9.31 -9.01 -7.83
CA GLN A 22 -9.78 -10.33 -7.38
C GLN A 22 -8.88 -10.90 -6.29
N ALA A 23 -7.56 -10.76 -6.41
CA ALA A 23 -6.73 -11.28 -5.34
C ALA A 23 -7.02 -10.56 -4.02
N LEU A 24 -7.18 -9.22 -4.07
CA LEU A 24 -7.48 -8.48 -2.84
C LEU A 24 -8.79 -8.96 -2.21
N ARG A 25 -9.80 -9.24 -3.05
CA ARG A 25 -11.08 -9.70 -2.52
C ARG A 25 -10.92 -11.05 -1.85
N GLU A 26 -10.03 -11.87 -2.34
CA GLU A 26 -9.74 -13.15 -1.73
C GLU A 26 -8.81 -13.00 -0.52
N GLY A 27 -8.43 -11.78 -0.17
CA GLY A 27 -7.55 -11.59 0.96
C GLY A 27 -6.08 -11.84 0.70
N ARG A 28 -5.65 -11.93 -0.56
CA ARG A 28 -4.26 -12.08 -0.92
C ARG A 28 -3.65 -10.72 -1.27
N GLY A 29 -2.34 -10.69 -1.44
CA GLY A 29 -1.62 -9.48 -1.76
C GLY A 29 -1.26 -9.36 -3.23
N VAL A 30 -0.93 -8.15 -3.64
CA VAL A 30 -0.57 -7.82 -5.01
C VAL A 30 0.72 -7.02 -4.98
N LEU A 31 1.28 -6.79 -6.16
CA LEU A 31 2.53 -6.03 -6.33
C LEU A 31 2.26 -4.93 -7.34
N LEU A 32 2.40 -3.69 -6.90
CA LEU A 32 2.16 -2.50 -7.71
C LEU A 32 3.48 -1.81 -8.01
N LEU A 33 3.74 -1.61 -9.29
CA LEU A 33 4.84 -0.81 -9.78
C LEU A 33 4.33 0.57 -10.12
N ASP A 34 5.13 1.59 -9.81
CA ASP A 34 4.82 2.92 -10.28
C ASP A 34 5.57 3.14 -11.58
N ASP A 35 5.52 4.35 -12.10
CA ASP A 35 6.09 4.66 -13.39
C ASP A 35 7.59 4.44 -13.39
N GLU A 36 8.12 3.96 -14.52
CA GLU A 36 9.55 3.70 -14.60
C GLU A 36 10.36 4.98 -14.41
N ASP A 37 9.83 6.12 -14.87
CA ASP A 37 10.52 7.40 -14.72
C ASP A 37 10.34 8.00 -13.32
N ARG A 38 9.55 7.35 -12.45
CA ARG A 38 9.33 7.86 -11.11
C ARG A 38 10.23 7.11 -10.12
N GLU A 39 9.66 6.29 -9.24
CA GLU A 39 10.48 5.48 -8.37
C GLU A 39 10.95 4.19 -9.04
N ASN A 40 10.12 3.63 -9.95
CA ASN A 40 10.45 2.35 -10.60
C ASN A 40 10.62 1.26 -9.54
N GLU A 41 9.68 1.23 -8.61
CA GLU A 41 9.74 0.32 -7.47
C GLU A 41 8.45 -0.44 -7.41
N GLY A 42 8.52 -1.65 -6.88
CA GLY A 42 7.36 -2.49 -6.66
C GLY A 42 7.08 -2.58 -5.17
N ASP A 43 5.84 -2.32 -4.81
CA ASP A 43 5.39 -2.42 -3.43
C ASP A 43 4.49 -3.64 -3.29
N ILE A 44 4.74 -4.46 -2.27
CA ILE A 44 3.71 -5.37 -1.80
C ILE A 44 2.56 -4.56 -1.19
N ILE A 45 1.33 -4.86 -1.61
CA ILE A 45 0.12 -4.23 -1.10
C ILE A 45 -0.81 -5.30 -0.52
N TYR A 46 -1.36 -5.04 0.68
CA TYR A 46 -2.40 -5.89 1.26
C TYR A 46 -3.57 -5.03 1.75
N ALA A 47 -4.79 -5.55 1.63
CA ALA A 47 -5.93 -4.91 2.27
C ALA A 47 -5.89 -5.05 3.79
N VAL A 48 -6.27 -3.98 4.48
CA VAL A 48 -6.23 -4.01 5.94
C VAL A 48 -7.23 -5.03 6.48
N GLU A 49 -8.40 -5.14 5.86
CA GLU A 49 -9.44 -5.90 6.54
C GLU A 49 -9.15 -7.40 6.57
N SER A 50 -8.29 -7.91 5.70
CA SER A 50 -7.89 -9.31 5.75
C SER A 50 -6.48 -9.48 6.26
N LEU A 51 -5.87 -8.42 6.77
CA LEU A 51 -4.45 -8.46 7.08
C LEU A 51 -4.18 -9.44 8.20
N THR A 52 -3.18 -10.31 8.01
CA THR A 52 -2.77 -11.26 9.03
C THR A 52 -1.32 -11.03 9.46
N THR A 53 -0.97 -11.65 10.59
CA THR A 53 0.40 -11.63 11.08
C THR A 53 1.35 -12.25 10.06
N ALA A 54 0.94 -13.37 9.43
CA ALA A 54 1.82 -13.99 8.45
C ALA A 54 2.05 -13.07 7.26
N GLN A 55 1.01 -12.35 6.82
CA GLN A 55 1.21 -11.37 5.74
C GLN A 55 2.16 -10.25 6.17
N MET A 56 1.98 -9.75 7.40
CA MET A 56 2.90 -8.75 7.91
C MET A 56 4.32 -9.29 8.07
N ALA A 57 4.47 -10.57 8.48
CA ALA A 57 5.81 -11.13 8.60
C ALA A 57 6.48 -11.19 7.23
N LEU A 58 5.71 -11.47 6.19
CA LEU A 58 6.29 -11.55 4.84
C LEU A 58 6.82 -10.20 4.38
N MET A 59 6.01 -9.13 4.53
CA MET A 59 6.49 -7.80 4.20
C MET A 59 7.76 -7.46 4.96
N ILE A 60 7.84 -7.84 6.24
CA ILE A 60 9.00 -7.40 7.00
C ILE A 60 10.26 -8.13 6.54
N ARG A 61 10.18 -9.44 6.27
CA ARG A 61 11.39 -10.17 5.92
C ARG A 61 11.79 -10.01 4.45
N GLU A 62 10.85 -9.59 3.59
CA GLU A 62 11.10 -9.44 2.15
C GLU A 62 11.15 -8.00 1.67
N CYS A 63 10.64 -7.04 2.44
CA CYS A 63 10.56 -5.66 1.98
C CYS A 63 11.44 -4.77 2.86
N SER A 64 11.30 -3.45 2.67
CA SER A 64 12.17 -2.50 3.36
C SER A 64 11.97 -2.56 4.85
N GLY A 65 10.86 -3.12 5.30
CA GLY A 65 10.53 -3.13 6.72
C GLY A 65 9.83 -1.88 7.18
N ILE A 66 9.77 -0.84 6.37
CA ILE A 66 9.14 0.42 6.75
C ILE A 66 7.74 0.34 6.17
N VAL A 67 6.83 -0.28 6.93
CA VAL A 67 5.50 -0.66 6.44
C VAL A 67 4.55 0.50 6.66
N CYS A 68 3.89 0.94 5.59
CA CYS A 68 3.05 2.14 5.64
C CYS A 68 1.60 1.73 5.53
N LEU A 69 0.75 2.47 6.25
CA LEU A 69 -0.71 2.36 6.19
C LEU A 69 -1.28 3.47 5.33
N CYS A 70 -1.83 3.13 4.17
CA CYS A 70 -2.45 4.11 3.30
C CYS A 70 -3.90 4.31 3.74
N LEU A 71 -4.22 5.56 4.08
CA LEU A 71 -5.54 5.95 4.54
C LEU A 71 -6.11 7.06 3.66
N THR A 72 -7.43 7.13 3.60
CA THR A 72 -8.08 8.31 3.04
C THR A 72 -7.79 9.54 3.91
N GLU A 73 -7.99 10.72 3.32
CA GLU A 73 -7.87 11.96 4.07
C GLU A 73 -8.89 12.01 5.20
N ALA A 74 -10.09 11.48 4.95
CA ALA A 74 -11.10 11.52 6.01
C ALA A 74 -10.61 10.74 7.21
N GLN A 75 -10.08 9.53 6.97
CA GLN A 75 -9.68 8.66 8.07
C GLN A 75 -8.46 9.24 8.79
N ALA A 76 -7.49 9.80 8.06
CA ALA A 76 -6.36 10.45 8.73
C ALA A 76 -6.85 11.63 9.58
N ASP A 77 -7.80 12.40 9.05
CA ASP A 77 -8.40 13.49 9.83
C ASP A 77 -9.10 12.93 11.08
N ARG A 78 -9.89 11.86 10.92
CA ARG A 78 -10.57 11.30 12.09
C ARG A 78 -9.59 10.94 13.19
N LEU A 79 -8.40 10.49 12.82
CA LEU A 79 -7.37 10.13 13.80
C LEU A 79 -6.54 11.33 14.25
N ALA A 80 -6.80 12.52 13.73
CA ALA A 80 -6.01 13.70 14.09
C ALA A 80 -4.54 13.43 13.78
N LEU A 81 -4.29 12.96 12.55
CA LEU A 81 -2.90 12.69 12.14
C LEU A 81 -2.46 13.84 11.22
N PRO A 82 -1.74 14.83 11.73
CA PRO A 82 -1.17 15.84 10.88
C PRO A 82 0.02 15.29 10.12
N PRO A 83 0.45 15.98 9.07
CA PRO A 83 1.64 15.52 8.35
C PRO A 83 2.81 15.51 9.31
N MET A 84 3.74 14.60 9.07
CA MET A 84 4.93 14.56 9.90
C MET A 84 5.65 15.90 9.87
N VAL A 85 5.78 16.52 8.68
CA VAL A 85 6.48 17.79 8.55
C VAL A 85 5.62 18.78 7.79
N VAL A 86 5.78 20.07 8.13
CA VAL A 86 4.94 21.09 7.53
C VAL A 86 5.34 21.35 6.07
N ASN A 87 6.60 21.68 5.84
CA ASN A 87 7.12 21.85 4.48
C ASN A 87 7.89 20.58 4.10
N ASN A 88 7.19 19.68 3.42
CA ASN A 88 7.70 18.39 3.00
C ASN A 88 8.57 18.60 1.76
N ASN A 89 9.89 18.58 1.93
CA ASN A 89 10.81 18.70 0.80
C ASN A 89 11.40 17.36 0.37
N SER A 90 10.72 16.25 0.69
CA SER A 90 11.07 14.95 0.12
C SER A 90 10.76 14.92 -1.38
N ALA A 91 11.43 14.01 -2.08
CA ALA A 91 11.42 14.01 -3.55
C ALA A 91 10.01 13.88 -4.11
N ASN A 92 9.30 12.82 -3.74
CA ASN A 92 7.93 12.61 -4.20
C ASN A 92 6.91 13.29 -3.29
N GLN A 93 7.35 13.97 -2.22
CA GLN A 93 6.39 14.60 -1.32
C GLN A 93 5.45 13.52 -0.76
N THR A 94 6.02 12.37 -0.46
CA THR A 94 5.29 11.27 0.18
C THR A 94 4.62 11.78 1.45
N ALA A 95 3.31 11.51 1.59
CA ALA A 95 2.47 12.21 2.58
C ALA A 95 2.46 11.52 3.94
N PHE A 96 3.67 11.35 4.50
CA PHE A 96 3.86 10.76 5.82
C PHE A 96 3.18 11.59 6.88
N THR A 97 2.30 10.95 7.65
CA THR A 97 1.86 11.54 8.91
C THR A 97 2.88 11.19 10.00
N VAL A 98 2.68 11.76 11.18
CA VAL A 98 3.40 11.32 12.36
C VAL A 98 3.14 9.82 12.51
N SER A 99 4.13 9.08 13.01
CA SER A 99 3.97 7.64 13.12
C SER A 99 3.11 7.30 14.32
N ILE A 100 2.63 6.07 14.35
CA ILE A 100 1.62 5.64 15.32
C ILE A 100 1.93 4.26 15.89
N GLU A 101 1.52 4.07 17.15
CA GLU A 101 1.40 2.74 17.73
C GLU A 101 -0.01 2.62 18.29
N ALA A 102 -0.57 1.42 18.27
CA ALA A 102 -1.71 1.12 19.11
C ALA A 102 -1.39 1.46 20.57
N LYS A 103 -2.35 2.10 21.23
CA LYS A 103 -2.21 2.47 22.64
C LYS A 103 -2.47 1.29 23.57
N HIS A 104 -3.26 0.30 23.14
CA HIS A 104 -3.52 -0.92 23.89
C HIS A 104 -3.37 -2.13 22.99
N GLY A 105 -2.95 -3.25 23.59
CA GLY A 105 -2.90 -4.52 22.87
C GLY A 105 -1.57 -4.87 22.23
N VAL A 106 -0.52 -4.13 22.54
CA VAL A 106 0.79 -4.25 21.92
C VAL A 106 1.84 -4.09 23.01
N THR A 107 3.08 -4.43 22.69
CA THR A 107 4.17 -4.29 23.64
C THR A 107 5.14 -3.24 23.05
N THR A 108 6.16 -3.66 22.31
CA THR A 108 7.12 -2.68 21.80
C THR A 108 6.66 -2.08 20.48
N GLY A 109 5.71 -2.70 19.80
CA GLY A 109 5.12 -2.17 18.62
C GLY A 109 5.68 -2.72 17.33
N VAL A 110 6.84 -3.38 17.37
CA VAL A 110 7.53 -3.75 16.14
C VAL A 110 7.15 -5.15 15.65
N SER A 111 6.83 -6.08 16.54
CA SER A 111 6.50 -7.43 16.10
C SER A 111 5.48 -7.38 14.99
N ALA A 112 5.51 -8.34 14.08
CA ALA A 112 4.49 -8.37 13.03
C ALA A 112 3.08 -8.24 13.60
N GLN A 113 2.82 -8.89 14.75
CA GLN A 113 1.47 -8.89 15.32
C GLN A 113 1.09 -7.51 15.84
N ASP A 114 2.01 -6.87 16.57
CA ASP A 114 1.77 -5.52 17.05
C ASP A 114 1.47 -4.59 15.89
N ARG A 115 2.18 -4.74 14.76
CA ARG A 115 1.97 -3.80 13.65
C ARG A 115 0.57 -3.98 13.08
N VAL A 116 0.14 -5.23 12.96
CA VAL A 116 -1.22 -5.50 12.51
C VAL A 116 -2.24 -4.94 13.50
N THR A 117 -2.01 -5.13 14.80
CA THR A 117 -2.89 -4.58 15.82
C THR A 117 -3.00 -3.06 15.67
N THR A 118 -1.85 -2.39 15.53
CA THR A 118 -1.86 -0.94 15.30
C THR A 118 -2.54 -0.56 14.00
N ILE A 119 -2.27 -1.31 12.93
CA ILE A 119 -2.88 -1.00 11.66
C ILE A 119 -4.41 -1.17 11.72
N LYS A 120 -4.88 -2.29 12.31
CA LYS A 120 -6.31 -2.50 12.42
C LYS A 120 -6.96 -1.48 13.36
N THR A 121 -6.26 -1.06 14.41
CA THR A 121 -6.80 -0.03 15.29
C THR A 121 -6.98 1.30 14.56
N ALA A 122 -5.94 1.72 13.83
CA ALA A 122 -5.99 2.99 13.10
C ALA A 122 -7.07 2.98 12.04
N ALA A 123 -7.21 1.85 11.33
CA ALA A 123 -8.06 1.76 10.15
C ALA A 123 -9.54 1.57 10.50
N ASN A 124 -9.83 1.19 11.73
CA ASN A 124 -11.19 0.99 12.23
C ASN A 124 -12.03 2.24 11.94
N PRO A 125 -13.12 2.11 11.17
CA PRO A 125 -13.91 3.31 10.85
C PRO A 125 -14.40 4.04 12.08
N GLN A 126 -14.50 3.38 13.24
CA GLN A 126 -14.86 4.01 14.50
C GLN A 126 -13.65 4.45 15.31
N ALA A 127 -12.47 4.48 14.70
CA ALA A 127 -11.28 4.85 15.45
C ALA A 127 -11.43 6.27 16.01
N LYS A 128 -10.83 6.51 17.18
CA LYS A 128 -10.63 7.83 17.73
C LYS A 128 -9.14 8.12 17.94
N PRO A 129 -8.76 9.40 17.93
CA PRO A 129 -7.31 9.73 17.98
C PRO A 129 -6.55 9.04 19.10
N GLU A 130 -7.16 8.97 20.27
CA GLU A 130 -6.44 8.46 21.42
C GLU A 130 -6.27 6.95 21.40
N ASP A 131 -6.88 6.27 20.45
CA ASP A 131 -6.60 4.85 20.28
C ASP A 131 -5.17 4.60 19.84
N LEU A 132 -4.46 5.65 19.39
CA LEU A 132 -3.11 5.57 18.86
C LEU A 132 -2.17 6.46 19.66
N ALA A 133 -1.11 5.87 20.20
CA ALA A 133 -0.01 6.66 20.72
C ALA A 133 0.83 7.15 19.54
N ARG A 134 1.56 8.26 19.73
CA ARG A 134 2.45 8.81 18.72
C ARG A 134 3.71 9.22 19.47
N PRO A 135 4.91 8.96 18.91
CA PRO A 135 5.22 8.25 17.66
C PRO A 135 5.13 6.74 17.84
N GLY A 136 5.35 5.98 16.77
CA GLY A 136 5.30 4.55 16.80
C GLY A 136 6.00 3.93 15.59
N HIS A 137 5.62 2.68 15.26
CA HIS A 137 6.35 1.89 14.28
C HIS A 137 5.52 1.50 13.06
N VAL A 138 4.36 2.15 12.89
CA VAL A 138 3.57 2.12 11.68
C VAL A 138 3.49 3.54 11.14
N PHE A 139 3.59 3.68 9.83
CA PHE A 139 3.76 4.98 9.18
C PHE A 139 2.59 5.24 8.27
N PRO A 140 1.63 6.07 8.68
CA PRO A 140 0.48 6.35 7.80
C PRO A 140 0.84 7.33 6.71
N LEU A 141 0.15 7.16 5.59
CA LEU A 141 0.28 8.01 4.43
C LEU A 141 -1.11 8.44 3.98
N ARG A 142 -1.25 9.73 3.70
CA ARG A 142 -2.51 10.32 3.27
C ARG A 142 -2.62 10.20 1.76
N ALA A 143 -3.61 9.47 1.29
CA ALA A 143 -3.88 9.38 -0.14
C ALA A 143 -4.64 10.60 -0.62
N ARG A 144 -4.21 11.14 -1.76
CA ARG A 144 -4.87 12.29 -2.35
C ARG A 144 -6.27 11.95 -2.87
N ALA A 145 -7.20 12.86 -2.66
CA ALA A 145 -8.50 12.79 -3.29
C ALA A 145 -8.33 12.76 -4.82
N GLY A 146 -9.10 11.88 -5.45
CA GLY A 146 -8.86 11.53 -6.84
C GLY A 146 -8.01 10.28 -7.05
N GLY A 147 -7.23 9.86 -6.06
CA GLY A 147 -6.46 8.64 -6.25
C GLY A 147 -5.40 8.81 -7.32
N VAL A 148 -5.24 7.76 -8.15
CA VAL A 148 -4.14 7.76 -9.11
C VAL A 148 -4.45 8.69 -10.28
N LEU A 149 -5.71 9.07 -10.48
CA LEU A 149 -6.04 10.10 -11.45
C LEU A 149 -5.62 11.50 -11.00
N ALA A 150 -5.24 11.68 -9.74
CA ALA A 150 -4.75 12.94 -9.21
C ALA A 150 -3.28 12.90 -8.86
N ARG A 151 -2.78 11.76 -8.39
CA ARG A 151 -1.38 11.58 -8.01
C ARG A 151 -1.00 10.14 -8.26
N ARG A 152 0.00 9.92 -9.11
CA ARG A 152 0.39 8.58 -9.54
C ARG A 152 1.36 7.93 -8.53
N GLY A 153 0.92 7.89 -7.28
CA GLY A 153 1.73 7.26 -6.24
C GLY A 153 1.22 5.90 -5.80
N HIS A 154 2.11 5.09 -5.18
CA HIS A 154 1.66 3.82 -4.63
C HIS A 154 0.62 4.04 -3.55
N THR A 155 0.73 5.16 -2.82
CA THR A 155 -0.24 5.51 -1.78
C THR A 155 -1.65 5.52 -2.37
N GLU A 156 -1.83 6.32 -3.42
CA GLU A 156 -3.13 6.40 -4.09
C GLU A 156 -3.49 5.10 -4.79
N GLY A 157 -2.51 4.40 -5.38
CA GLY A 157 -2.80 3.08 -5.94
C GLY A 157 -3.41 2.14 -4.92
N THR A 158 -2.84 2.14 -3.72
CA THR A 158 -3.29 1.24 -2.66
C THR A 158 -4.74 1.51 -2.27
N VAL A 159 -5.08 2.76 -1.97
CA VAL A 159 -6.45 3.05 -1.57
C VAL A 159 -7.42 2.87 -2.72
N ASP A 160 -6.99 3.21 -3.94
CA ASP A 160 -7.83 3.00 -5.13
C ASP A 160 -8.12 1.52 -5.34
N LEU A 161 -7.09 0.68 -5.23
CA LEU A 161 -7.29 -0.77 -5.35
C LEU A 161 -8.38 -1.25 -4.39
N MET A 162 -8.30 -0.82 -3.12
CA MET A 162 -9.28 -1.24 -2.13
C MET A 162 -10.70 -0.81 -2.51
N GLN A 163 -10.88 0.47 -2.80
CA GLN A 163 -12.19 0.94 -3.27
C GLN A 163 -12.67 0.16 -4.49
N MET A 164 -11.83 0.08 -5.53
CA MET A 164 -12.25 -0.60 -6.75
C MET A 164 -12.65 -2.04 -6.47
N ALA A 165 -12.05 -2.65 -5.45
CA ALA A 165 -12.34 -4.04 -5.08
C ALA A 165 -13.51 -4.15 -4.14
N GLY A 166 -14.15 -3.03 -3.78
CA GLY A 166 -15.25 -3.08 -2.85
C GLY A 166 -14.87 -3.32 -1.40
N LEU A 167 -13.63 -3.04 -1.05
CA LEU A 167 -13.11 -3.25 0.30
C LEU A 167 -13.08 -1.93 1.08
N GLN A 168 -12.96 -2.05 2.40
CA GLN A 168 -12.68 -0.89 3.24
C GLN A 168 -11.47 -0.13 2.69
N PRO A 169 -11.56 1.24 2.56
CA PRO A 169 -10.51 2.00 1.84
C PRO A 169 -9.22 2.17 2.63
N ALA A 170 -8.57 1.06 2.97
CA ALA A 170 -7.30 1.14 3.67
C ALA A 170 -6.48 -0.09 3.35
N GLY A 171 -5.21 0.15 3.05
CA GLY A 171 -4.30 -0.91 2.66
C GLY A 171 -2.92 -0.58 3.20
N VAL A 172 -2.04 -1.58 3.18
CA VAL A 172 -0.67 -1.40 3.64
C VAL A 172 0.25 -1.64 2.45
N LEU A 173 1.46 -1.09 2.54
CA LEU A 173 2.42 -1.26 1.47
C LEU A 173 3.82 -1.32 2.04
N CYS A 174 4.73 -1.88 1.25
CA CYS A 174 6.15 -1.85 1.60
C CYS A 174 6.95 -2.26 0.38
N GLU A 175 8.13 -1.66 0.22
CA GLU A 175 8.89 -1.79 -1.01
C GLU A 175 9.66 -3.12 -1.05
N LEU A 176 9.51 -3.84 -2.15
CA LEU A 176 10.19 -5.10 -2.30
C LEU A 176 11.70 -4.86 -2.43
N THR A 177 12.48 -5.50 -1.55
CA THR A 177 13.92 -5.35 -1.44
C THR A 177 14.62 -6.68 -1.73
N ASN A 178 15.71 -6.61 -2.50
CA ASN A 178 16.51 -7.81 -2.78
C ASN A 178 17.34 -8.16 -1.56
N PRO A 179 17.79 -9.41 -1.45
CA PRO A 179 18.60 -9.79 -0.29
C PRO A 179 19.78 -8.88 -0.02
N ASP A 180 20.43 -8.38 -1.07
CA ASP A 180 21.63 -7.57 -0.89
C ASP A 180 21.31 -6.10 -0.58
N GLY A 181 20.03 -5.72 -0.46
CA GLY A 181 19.63 -4.41 -0.04
C GLY A 181 19.26 -3.47 -1.18
N SER A 182 19.65 -3.79 -2.40
CA SER A 182 19.14 -3.07 -3.56
C SER A 182 17.64 -3.29 -3.69
N MET A 183 16.98 -2.36 -4.35
CA MET A 183 15.53 -2.42 -4.48
C MET A 183 15.19 -3.31 -5.66
N ALA A 184 14.11 -4.08 -5.52
CA ALA A 184 13.71 -5.02 -6.56
C ALA A 184 13.26 -4.26 -7.80
N LYS A 185 13.80 -4.64 -8.94
CA LYS A 185 13.38 -4.11 -10.23
C LYS A 185 12.44 -5.09 -10.89
N THR A 186 11.88 -4.67 -12.02
CA THR A 186 10.76 -5.40 -12.62
C THR A 186 11.04 -6.88 -12.79
N PRO A 187 12.22 -7.34 -13.23
CA PRO A 187 12.42 -8.80 -13.33
C PRO A 187 12.27 -9.52 -12.00
N GLU A 188 12.87 -8.96 -10.92
CA GLU A 188 12.79 -9.58 -9.60
C GLU A 188 11.37 -9.51 -9.04
N ILE A 189 10.64 -8.43 -9.36
CA ILE A 189 9.26 -8.28 -8.91
C ILE A 189 8.35 -9.31 -9.56
N ILE A 190 8.49 -9.51 -10.88
CA ILE A 190 7.70 -10.56 -11.54
C ILE A 190 8.01 -11.92 -10.93
N GLU A 191 9.30 -12.23 -10.74
CA GLU A 191 9.72 -13.51 -10.19
C GLU A 191 9.17 -13.70 -8.78
N PHE A 192 9.17 -12.64 -7.96
CA PHE A 192 8.61 -12.73 -6.60
C PHE A 192 7.10 -12.91 -6.63
N GLY A 193 6.41 -12.23 -7.53
CA GLY A 193 4.97 -12.46 -7.68
C GLY A 193 4.65 -13.89 -8.06
N LYS A 194 5.44 -14.48 -8.97
CA LYS A 194 5.29 -15.91 -9.30
C LYS A 194 5.40 -16.79 -8.05
N LEU A 195 6.52 -16.68 -7.34
CA LEU A 195 6.70 -17.48 -6.13
C LEU A 195 5.51 -17.39 -5.19
N HIS A 196 5.05 -16.19 -4.91
CA HIS A 196 4.07 -15.95 -3.86
C HIS A 196 2.67 -15.79 -4.41
N ASN A 197 2.47 -16.09 -5.70
CA ASN A 197 1.13 -16.12 -6.27
C ASN A 197 0.46 -14.77 -6.09
N MET A 198 1.21 -13.71 -6.43
CA MET A 198 0.77 -12.34 -6.27
C MET A 198 0.67 -11.71 -7.65
N PRO A 199 -0.50 -11.22 -8.05
CA PRO A 199 -0.59 -10.50 -9.32
C PRO A 199 0.34 -9.28 -9.32
N VAL A 200 0.80 -8.89 -10.52
CA VAL A 200 1.59 -7.68 -10.72
C VAL A 200 0.83 -6.73 -11.62
N LEU A 201 0.80 -5.44 -11.23
CA LEU A 201 0.22 -4.40 -12.08
C LEU A 201 0.99 -3.10 -11.86
N THR A 202 0.62 -2.08 -12.64
CA THR A 202 1.29 -0.80 -12.60
C THR A 202 0.25 0.31 -12.37
N ILE A 203 0.73 1.44 -11.83
CA ILE A 203 -0.12 2.62 -11.72
C ILE A 203 -0.69 2.95 -13.09
N GLU A 204 0.12 2.82 -14.13
CA GLU A 204 -0.34 3.09 -15.48
C GLU A 204 -1.51 2.19 -15.84
N ASP A 205 -1.44 0.90 -15.50
CA ASP A 205 -2.61 0.04 -15.71
C ASP A 205 -3.83 0.64 -15.00
N MET A 206 -3.63 1.07 -13.76
CA MET A 206 -4.75 1.59 -12.99
C MET A 206 -5.33 2.85 -13.62
N VAL A 207 -4.48 3.79 -14.04
CA VAL A 207 -4.97 5.01 -14.66
C VAL A 207 -5.77 4.68 -15.93
N GLN A 208 -5.23 3.82 -16.79
CA GLN A 208 -5.99 3.41 -17.98
C GLN A 208 -7.33 2.84 -17.58
N TYR A 209 -7.34 1.97 -16.58
CA TYR A 209 -8.55 1.28 -16.20
C TYR A 209 -9.58 2.25 -15.66
N ARG A 210 -9.19 3.08 -14.70
CA ARG A 210 -10.10 4.10 -14.21
C ARG A 210 -10.56 5.01 -15.35
N ILE A 211 -9.66 5.39 -16.26
CA ILE A 211 -10.10 6.20 -17.38
C ILE A 211 -10.64 5.39 -18.56
N GLN A 212 -10.93 4.09 -18.42
CA GLN A 212 -11.76 3.44 -19.43
C GLN A 212 -13.13 3.03 -18.92
N PHE A 213 -13.38 3.07 -17.61
CA PHE A 213 -14.66 2.65 -17.01
C PHE A 213 -15.23 3.70 -16.07
N ASP A 214 -15.40 4.93 -16.60
CA ASP A 214 -15.76 6.14 -15.86
C ASP A 214 -15.76 5.97 -14.34
N LEU A 215 -14.66 5.43 -13.80
CA LEU A 215 -14.63 5.00 -12.40
C LEU A 215 -14.22 6.18 -11.54
N LYS A 216 -15.21 6.77 -10.85
CA LYS A 216 -15.00 7.77 -9.82
C LYS A 216 -15.31 7.15 -8.47
N LEU A 217 -14.32 7.13 -7.61
CA LEU A 217 -14.37 6.37 -6.39
C LEU A 217 -14.65 7.24 -5.17
#